data_3I7I
#
_entry.id   3I7I
#
_cell.length_a   134.186
_cell.length_b   35.777
_cell.length_c   95.295
_cell.angle_alpha   90.000
_cell.angle_beta   131.080
_cell.angle_gamma   90.000
#
_symmetry.space_group_name_H-M   'C 1 2 1'
#
loop_
_entity.id
_entity.type
_entity.pdbx_description
1 polymer 'Collagenase 3'
2 non-polymer 'ZINC ION'
3 non-polymer 'CALCIUM ION'
4 non-polymer N-[4-(5-{[(1S)-1-cyclohexyl-2-(methylamino)-2-oxoethyl]carbamoyl}furan-2-yl)phenyl]-1-benzofuran-2-carboxamide
5 water water
#
_entity_poly.entity_id   1
_entity_poly.type   'polypeptide(L)'
_entity_poly.pdbx_seq_one_letter_code
;YNVFPRTLKWSKMNLTYRIVNYTPDMTHSEVEKAFKKAFKVWSDVTPLNFTRLHDGIADIMISFGIKEHGDFYPFDGPSG
LLAHAFPPGPNYGGDAHFDDDETWTSSSKGYNLFLVAAHEFGHSLGLDHSKDPGALMFPIYTYTGKSHFMLPDDDVQGIQ
SLYGPGDEDPN
;
_entity_poly.pdbx_strand_id   A,B
#
# COMPACT_ATOMS: atom_id res chain seq x y z
N TYR A 1 -16.09 -11.13 8.29
CA TYR A 1 -15.11 -10.13 8.67
C TYR A 1 -13.72 -10.49 8.12
N ASN A 2 -12.87 -9.48 7.95
CA ASN A 2 -11.58 -9.70 7.31
C ASN A 2 -10.38 -9.16 8.08
N VAL A 3 -9.27 -9.86 7.96
CA VAL A 3 -8.01 -9.50 8.59
C VAL A 3 -6.96 -9.29 7.50
N PHE A 4 -5.93 -8.51 7.80
CA PHE A 4 -4.89 -8.22 6.80
C PHE A 4 -4.02 -9.44 6.47
N PRO A 5 -3.73 -9.62 5.17
CA PRO A 5 -2.89 -10.69 4.62
C PRO A 5 -1.51 -10.71 5.27
N ARG A 6 -1.02 -11.90 5.62
CA ARG A 6 0.27 -12.02 6.31
C ARG A 6 1.38 -11.18 5.68
N THR A 7 1.33 -11.02 4.35
CA THR A 7 2.37 -10.30 3.65
C THR A 7 1.76 -9.43 2.56
N LEU A 8 2.54 -8.48 2.05
CA LEU A 8 2.09 -7.62 0.97
C LEU A 8 1.91 -8.39 -0.33
N LYS A 9 0.68 -8.46 -0.81
CA LYS A 9 0.45 -9.09 -2.10
C LYS A 9 -0.87 -8.66 -2.74
N TRP A 10 -0.97 -8.92 -4.04
CA TRP A 10 -2.18 -8.60 -4.77
C TRP A 10 -3.34 -9.53 -4.39
N SER A 11 -4.51 -8.92 -4.27
CA SER A 11 -5.73 -9.61 -3.83
C SER A 11 -6.36 -10.42 -4.95
N LYS A 12 -5.94 -10.14 -6.18
CA LYS A 12 -6.52 -10.74 -7.37
C LYS A 12 -5.41 -11.26 -8.26
N MET A 13 -5.73 -12.28 -9.05
CA MET A 13 -4.74 -12.86 -9.95
C MET A 13 -4.61 -12.04 -11.21
N ASN A 14 -5.70 -11.34 -11.59
CA ASN A 14 -5.68 -10.53 -12.81
C ASN A 14 -5.29 -9.09 -12.54
N LEU A 15 -4.11 -8.72 -13.02
CA LEU A 15 -3.56 -7.38 -12.80
C LEU A 15 -3.43 -6.62 -14.12
N THR A 16 -3.50 -5.29 -14.04
CA THR A 16 -3.44 -4.46 -15.23
C THR A 16 -2.19 -3.57 -15.26
N TYR A 17 -1.56 -3.44 -16.42
CA TYR A 17 -0.43 -2.53 -16.52
C TYR A 17 -0.55 -1.52 -17.65
N ARG A 18 0.00 -0.32 -17.41
CA ARG A 18 -0.05 0.73 -18.41
C ARG A 18 1.31 1.42 -18.56
N ILE A 19 1.84 1.43 -19.77
CA ILE A 19 3.05 2.18 -20.06
C ILE A 19 2.65 3.64 -20.27
N VAL A 20 2.85 4.47 -19.26
CA VAL A 20 2.35 5.83 -19.28
C VAL A 20 3.11 6.74 -20.26
N ASN A 21 4.43 6.55 -20.33
CA ASN A 21 5.24 7.24 -21.32
C ASN A 21 6.44 6.40 -21.74
N TYR A 22 7.21 6.90 -22.72
CA TYR A 22 8.31 6.10 -23.27
C TYR A 22 9.66 6.80 -23.20
N THR A 23 10.72 6.00 -23.08
CA THR A 23 12.07 6.51 -23.10
C THR A 23 12.46 6.83 -24.53
N PRO A 24 13.35 7.81 -24.72
CA PRO A 24 13.85 8.17 -26.05
C PRO A 24 14.77 7.12 -26.67
N ASP A 25 15.49 6.37 -25.85
CA ASP A 25 16.52 5.44 -26.32
C ASP A 25 16.03 4.34 -27.24
N MET A 26 14.89 3.76 -26.88
CA MET A 26 14.34 2.59 -27.56
C MET A 26 13.03 2.98 -28.22
N THR A 27 12.59 2.19 -29.20
CA THR A 27 11.32 2.51 -29.87
C THR A 27 10.15 2.08 -29.02
N HIS A 28 8.95 2.52 -29.38
CA HIS A 28 7.77 2.16 -28.64
C HIS A 28 7.67 0.63 -28.59
N SER A 29 7.95 0.00 -29.73
CA SER A 29 7.89 -1.45 -29.85
C SER A 29 8.89 -2.17 -28.93
N GLU A 30 10.16 -1.79 -28.96
CA GLU A 30 11.16 -2.40 -28.08
C GLU A 30 10.72 -2.29 -26.63
N VAL A 31 10.31 -1.09 -26.24
CA VAL A 31 9.84 -0.85 -24.88
C VAL A 31 8.66 -1.75 -24.48
N GLU A 32 7.71 -1.95 -25.39
CA GLU A 32 6.57 -2.78 -25.05
C GLU A 32 6.94 -4.26 -25.05
N LYS A 33 7.89 -4.66 -25.88
CA LYS A 33 8.30 -6.06 -25.90
C LYS A 33 9.07 -6.40 -24.64
N ALA A 34 9.92 -5.48 -24.20
CA ALA A 34 10.69 -5.68 -22.99
C ALA A 34 9.78 -5.84 -21.78
N PHE A 35 8.73 -5.01 -21.71
CA PHE A 35 7.80 -5.07 -20.59
C PHE A 35 6.88 -6.28 -20.65
N LYS A 36 6.41 -6.63 -21.85
CA LYS A 36 5.60 -7.83 -22.00
C LYS A 36 6.40 -9.05 -21.54
N LYS A 37 7.64 -9.15 -22.00
CA LYS A 37 8.56 -10.22 -21.61
C LYS A 37 8.85 -10.19 -20.09
N ALA A 38 9.11 -9.00 -19.56
CA ALA A 38 9.31 -8.83 -18.13
C ALA A 38 8.15 -9.39 -17.30
N PHE A 39 6.92 -9.08 -17.70
CA PHE A 39 5.74 -9.64 -17.04
C PHE A 39 5.61 -11.15 -17.19
N LYS A 40 5.94 -11.68 -18.36
CA LYS A 40 5.83 -13.11 -18.64
C LYS A 40 6.75 -13.95 -17.75
N VAL A 41 7.91 -13.39 -17.41
CA VAL A 41 8.80 -14.01 -16.45
C VAL A 41 8.03 -14.49 -15.22
N TRP A 42 7.13 -13.65 -14.74
CA TRP A 42 6.40 -13.90 -13.49
C TRP A 42 5.07 -14.62 -13.67
N SER A 43 4.43 -14.45 -14.81
CA SER A 43 3.13 -15.11 -15.00
C SER A 43 3.35 -16.58 -15.30
N ASP A 44 4.51 -16.89 -15.85
CA ASP A 44 4.89 -18.25 -16.21
C ASP A 44 5.00 -19.21 -15.01
N VAL A 45 5.07 -18.67 -13.80
CA VAL A 45 5.37 -19.49 -12.62
C VAL A 45 4.43 -19.24 -11.45
N THR A 46 3.29 -18.63 -11.76
CA THR A 46 2.23 -18.28 -10.82
C THR A 46 0.92 -18.31 -11.61
N PRO A 47 -0.22 -18.13 -10.92
CA PRO A 47 -1.51 -18.01 -11.62
C PRO A 47 -1.81 -16.56 -12.03
N LEU A 48 -0.80 -15.71 -12.05
CA LEU A 48 -0.99 -14.30 -12.38
C LEU A 48 -1.18 -14.06 -13.88
N ASN A 49 -2.07 -13.14 -14.21
CA ASN A 49 -2.32 -12.70 -15.58
C ASN A 49 -2.12 -11.21 -15.69
N PHE A 50 -1.38 -10.78 -16.71
CA PHE A 50 -1.11 -9.36 -16.90
C PHE A 50 -1.76 -8.84 -18.17
N THR A 51 -2.61 -7.83 -18.02
CA THR A 51 -3.27 -7.21 -19.17
C THR A 51 -2.80 -5.76 -19.34
N ARG A 52 -2.66 -5.33 -20.59
CA ARG A 52 -2.19 -3.99 -20.84
C ARG A 52 -3.32 -3.02 -21.19
N LEU A 53 -3.32 -1.88 -20.50
CA LEU A 53 -4.25 -0.80 -20.78
C LEU A 53 -3.48 0.27 -21.54
N HIS A 54 -4.12 0.89 -22.52
CA HIS A 54 -3.42 1.92 -23.25
C HIS A 54 -3.61 3.28 -22.60
N ASP A 55 -4.72 3.41 -21.88
CA ASP A 55 -5.02 4.62 -21.13
C ASP A 55 -5.72 4.23 -19.83
N GLY A 56 -5.98 5.21 -18.98
CA GLY A 56 -6.69 4.97 -17.74
C GLY A 56 -5.82 4.58 -16.56
N ILE A 57 -6.41 3.89 -15.60
CA ILE A 57 -5.70 3.54 -14.38
C ILE A 57 -5.52 2.03 -14.27
N ALA A 58 -4.27 1.59 -14.24
CA ALA A 58 -3.94 0.18 -14.13
C ALA A 58 -3.41 -0.10 -12.75
N ASP A 59 -3.31 -1.38 -12.43
CA ASP A 59 -2.76 -1.80 -11.15
C ASP A 59 -1.29 -1.41 -11.11
N ILE A 60 -0.64 -1.42 -12.27
CA ILE A 60 0.77 -1.11 -12.34
C ILE A 60 1.12 -0.07 -13.40
N MET A 61 1.19 1.19 -12.99
CA MET A 61 1.57 2.26 -13.91
C MET A 61 3.09 2.27 -14.11
N ILE A 62 3.49 2.39 -15.37
CA ILE A 62 4.90 2.39 -15.75
C ILE A 62 5.16 3.68 -16.48
N SER A 63 6.20 4.40 -16.04
CA SER A 63 6.57 5.65 -16.69
C SER A 63 8.08 5.85 -16.54
N PHE A 64 8.63 6.73 -17.38
CA PHE A 64 10.03 7.10 -17.30
C PHE A 64 10.09 8.55 -16.84
N GLY A 65 11.04 8.86 -15.97
CA GLY A 65 11.17 10.20 -15.41
C GLY A 65 12.54 10.48 -14.82
N ILE A 66 12.86 11.74 -14.62
CA ILE A 66 14.15 12.12 -14.04
C ILE A 66 14.00 12.89 -12.73
N LYS A 67 15.05 12.87 -11.92
CA LYS A 67 15.08 13.60 -10.66
C LYS A 67 13.77 13.46 -9.90
N GLU A 68 13.09 14.58 -9.70
CA GLU A 68 11.81 14.61 -9.01
C GLU A 68 10.66 14.36 -9.97
N HIS A 69 9.87 13.34 -9.68
CA HIS A 69 8.88 12.87 -10.64
C HIS A 69 7.56 12.42 -10.03
N GLY A 70 7.31 12.78 -8.77
CA GLY A 70 6.02 12.53 -8.16
C GLY A 70 5.99 11.54 -7.01
N ASP A 71 7.09 11.44 -6.26
CA ASP A 71 7.12 10.59 -5.08
C ASP A 71 8.27 10.95 -4.13
N PHE A 72 8.58 10.08 -3.17
CA PHE A 72 9.60 10.38 -2.16
C PHE A 72 11.02 9.93 -2.55
N TYR A 73 11.21 9.57 -3.81
CA TYR A 73 12.44 8.89 -4.21
C TYR A 73 12.95 9.40 -5.54
N PRO A 74 13.47 10.64 -5.55
CA PRO A 74 13.93 11.28 -6.78
C PRO A 74 15.03 10.45 -7.40
N PHE A 75 15.09 10.45 -8.72
CA PHE A 75 16.23 9.87 -9.40
C PHE A 75 17.39 10.86 -9.32
N ASP A 76 18.56 10.43 -9.77
CA ASP A 76 19.79 11.15 -9.44
C ASP A 76 20.69 11.46 -10.62
N GLY A 77 20.14 11.57 -11.82
CA GLY A 77 20.97 11.74 -13.00
C GLY A 77 21.47 10.38 -13.43
N PRO A 78 22.51 10.34 -14.30
CA PRO A 78 22.97 9.04 -14.82
C PRO A 78 23.65 8.18 -13.75
N SER A 79 23.46 6.87 -13.82
CA SER A 79 24.07 5.93 -12.89
C SER A 79 23.56 6.12 -11.47
N GLY A 80 23.79 5.13 -10.62
CA GLY A 80 23.23 5.15 -9.29
C GLY A 80 21.94 4.37 -9.30
N LEU A 81 20.86 4.97 -8.81
CA LEU A 81 19.57 4.30 -8.84
C LEU A 81 19.14 4.20 -10.29
N LEU A 82 18.70 3.01 -10.72
CA LEU A 82 18.28 2.83 -12.11
C LEU A 82 16.77 2.94 -12.27
N ALA A 83 16.05 2.63 -11.20
CA ALA A 83 14.60 2.43 -11.26
C ALA A 83 14.11 1.93 -9.92
N HIS A 84 12.80 1.97 -9.72
CA HIS A 84 12.19 1.39 -8.53
C HIS A 84 10.69 1.15 -8.71
N ALA A 85 10.12 0.34 -7.85
CA ALA A 85 8.70 0.04 -7.93
C ALA A 85 8.18 -0.18 -6.53
N PHE A 86 6.91 0.14 -6.31
CA PHE A 86 6.29 0.02 -5.01
C PHE A 86 5.56 -1.29 -4.83
N PRO A 87 5.53 -1.81 -3.60
CA PRO A 87 4.91 -3.11 -3.31
C PRO A 87 3.40 -3.01 -3.54
N PRO A 88 2.71 -4.17 -3.58
CA PRO A 88 1.27 -4.19 -3.83
C PRO A 88 0.46 -3.38 -2.79
N GLY A 89 -0.52 -2.62 -3.29
CA GLY A 89 -1.34 -1.77 -2.45
C GLY A 89 -2.02 -0.68 -3.29
N PRO A 90 -2.88 0.13 -2.64
CA PRO A 90 -3.67 1.13 -3.36
C PRO A 90 -2.79 2.21 -3.96
N ASN A 91 -3.38 3.10 -4.75
CA ASN A 91 -2.67 4.26 -5.31
C ASN A 91 -1.43 3.88 -6.11
N TYR A 92 -0.28 4.38 -5.68
CA TYR A 92 0.99 4.06 -6.33
C TYR A 92 1.53 2.67 -5.99
N GLY A 93 0.71 1.86 -5.31
CA GLY A 93 1.08 0.48 -5.03
C GLY A 93 1.29 -0.32 -6.31
N GLY A 94 2.45 -0.95 -6.44
CA GLY A 94 2.74 -1.72 -7.63
C GLY A 94 3.36 -0.95 -8.79
N ASP A 95 3.41 0.38 -8.70
CA ASP A 95 3.94 1.20 -9.79
C ASP A 95 5.44 1.10 -9.92
N ALA A 96 5.93 1.16 -11.16
CA ALA A 96 7.35 1.05 -11.42
C ALA A 96 7.83 2.30 -12.13
N HIS A 97 8.96 2.82 -11.67
CA HIS A 97 9.56 4.03 -12.21
C HIS A 97 10.97 3.78 -12.74
N PHE A 98 11.24 4.27 -13.96
CA PHE A 98 12.54 4.09 -14.59
C PHE A 98 13.24 5.41 -14.85
N ASP A 99 14.50 5.54 -14.42
CA ASP A 99 15.24 6.79 -14.58
C ASP A 99 15.61 7.05 -16.03
N ASP A 100 15.07 8.12 -16.61
CA ASP A 100 15.35 8.41 -18.00
C ASP A 100 16.69 9.15 -18.18
N ASP A 101 17.47 9.27 -17.13
CA ASP A 101 18.84 9.76 -17.28
C ASP A 101 19.79 8.59 -17.55
N GLU A 102 19.29 7.36 -17.52
CA GLU A 102 20.07 6.19 -17.88
C GLU A 102 19.93 5.91 -19.37
N THR A 103 20.81 5.08 -19.91
CA THR A 103 20.61 4.57 -21.26
C THR A 103 19.96 3.21 -21.18
N TRP A 104 18.74 3.11 -21.73
CA TRP A 104 18.01 1.85 -21.75
C TRP A 104 18.11 1.15 -23.11
N THR A 105 18.39 -0.14 -23.08
CA THR A 105 18.55 -0.88 -24.32
C THR A 105 17.83 -2.22 -24.30
N SER A 106 17.65 -2.79 -25.48
CA SER A 106 17.16 -4.14 -25.59
C SER A 106 18.34 -5.07 -25.88
N SER A 107 19.55 -4.52 -25.72
CA SER A 107 20.78 -5.28 -25.92
C SER A 107 21.65 -5.30 -24.65
N SER A 108 22.97 -5.30 -24.86
CA SER A 108 23.92 -5.37 -23.75
C SER A 108 24.46 -3.99 -23.39
N LYS A 109 25.00 -3.29 -24.38
CA LYS A 109 25.48 -1.95 -24.16
C LYS A 109 24.36 -1.13 -23.50
N GLY A 110 24.71 -0.39 -22.45
CA GLY A 110 23.72 0.34 -21.67
C GLY A 110 23.11 -0.53 -20.57
N TYR A 111 21.85 -0.27 -20.25
CA TYR A 111 21.09 -1.10 -19.31
C TYR A 111 19.99 -1.84 -20.04
N ASN A 112 19.88 -3.14 -19.82
CA ASN A 112 18.83 -3.90 -20.46
C ASN A 112 17.48 -3.70 -19.77
N LEU A 113 16.57 -3.02 -20.46
CA LEU A 113 15.27 -2.68 -19.91
C LEU A 113 14.47 -3.90 -19.47
N PHE A 114 14.59 -4.98 -20.22
CA PHE A 114 13.88 -6.20 -19.87
C PHE A 114 14.34 -6.68 -18.51
N LEU A 115 15.65 -6.83 -18.34
CA LEU A 115 16.22 -7.34 -17.09
C LEU A 115 15.87 -6.46 -15.89
N VAL A 116 16.00 -5.14 -16.04
CA VAL A 116 15.68 -4.22 -14.95
C VAL A 116 14.20 -4.28 -14.62
N ALA A 117 13.38 -4.23 -15.66
CA ALA A 117 11.94 -4.39 -15.53
C ALA A 117 11.56 -5.70 -14.81
N ALA A 118 12.03 -6.83 -15.31
CA ALA A 118 11.79 -8.12 -14.62
C ALA A 118 12.01 -8.01 -13.13
N HIS A 119 13.12 -7.38 -12.75
CA HIS A 119 13.48 -7.19 -11.35
C HIS A 119 12.50 -6.27 -10.65
N GLU A 120 12.22 -5.12 -11.27
CA GLU A 120 11.30 -4.15 -10.70
C GLU A 120 9.90 -4.73 -10.52
N PHE A 121 9.40 -5.44 -11.52
CA PHE A 121 8.07 -6.03 -11.43
C PHE A 121 8.01 -7.03 -10.30
N GLY A 122 9.12 -7.72 -10.05
CA GLY A 122 9.23 -8.52 -8.84
C GLY A 122 8.78 -7.71 -7.64
N HIS A 123 9.28 -6.47 -7.54
CA HIS A 123 8.86 -5.59 -6.45
C HIS A 123 7.39 -5.28 -6.49
N SER A 124 6.86 -5.01 -7.68
CA SER A 124 5.46 -4.65 -7.84
C SER A 124 4.57 -5.73 -7.23
N LEU A 125 5.08 -6.95 -7.18
CA LEU A 125 4.27 -8.09 -6.78
C LEU A 125 4.48 -8.49 -5.33
N GLY A 126 5.42 -7.85 -4.66
CA GLY A 126 5.60 -8.11 -3.24
C GLY A 126 6.88 -8.84 -2.91
N LEU A 127 7.80 -8.94 -3.88
CA LEU A 127 9.15 -9.41 -3.59
C LEU A 127 10.09 -8.27 -3.21
N ASP A 128 10.82 -8.44 -2.11
CA ASP A 128 11.88 -7.52 -1.74
C ASP A 128 13.17 -8.08 -2.30
N HIS A 129 14.31 -7.58 -1.83
CA HIS A 129 15.60 -8.03 -2.33
C HIS A 129 16.06 -9.37 -1.75
N SER A 130 16.66 -10.18 -2.62
CA SER A 130 17.29 -11.41 -2.20
C SER A 130 18.72 -11.16 -1.74
N LYS A 131 19.31 -12.14 -1.07
CA LYS A 131 20.73 -12.07 -0.71
C LYS A 131 21.56 -12.90 -1.68
N ASP A 132 20.90 -13.76 -2.44
CA ASP A 132 21.56 -14.63 -3.40
C ASP A 132 22.02 -13.82 -4.61
N PRO A 133 23.36 -13.71 -4.79
CA PRO A 133 23.99 -12.94 -5.87
C PRO A 133 23.62 -13.44 -7.26
N GLY A 134 22.78 -14.47 -7.34
CA GLY A 134 22.30 -14.97 -8.62
C GLY A 134 20.78 -14.97 -8.68
N ALA A 135 20.16 -14.31 -7.72
CA ALA A 135 18.71 -14.13 -7.73
C ALA A 135 18.37 -12.89 -8.55
N LEU A 136 17.33 -12.97 -9.36
CA LEU A 136 16.90 -11.84 -10.18
C LEU A 136 16.64 -10.64 -9.28
N MET A 137 16.14 -10.91 -8.09
CA MET A 137 15.82 -9.89 -7.11
C MET A 137 17.03 -9.43 -6.29
N PHE A 138 18.22 -9.89 -6.68
CA PHE A 138 19.45 -9.34 -6.15
C PHE A 138 19.55 -7.87 -6.56
N PRO A 139 19.78 -6.98 -5.60
CA PRO A 139 19.69 -5.52 -5.79
C PRO A 139 20.58 -4.96 -6.90
N ILE A 140 21.64 -5.66 -7.27
CA ILE A 140 22.68 -5.09 -8.13
C ILE A 140 22.61 -5.59 -9.57
N TYR A 141 22.68 -4.67 -10.53
CA TYR A 141 22.49 -5.02 -11.94
C TYR A 141 23.61 -5.87 -12.51
N THR A 142 23.23 -6.91 -13.24
CA THR A 142 24.18 -7.75 -13.97
C THR A 142 23.55 -8.21 -15.29
N TYR A 143 24.33 -8.20 -16.37
CA TYR A 143 23.79 -8.58 -17.66
C TYR A 143 24.04 -10.04 -18.01
N THR A 144 23.13 -10.62 -18.78
CA THR A 144 23.20 -12.03 -19.17
C THR A 144 22.84 -12.21 -20.64
N PHE A 149 17.95 -16.28 -20.75
CA PHE A 149 17.48 -15.97 -19.40
C PHE A 149 16.45 -16.95 -18.85
N MET A 150 16.77 -17.55 -17.71
CA MET A 150 15.79 -18.37 -17.01
C MET A 150 15.65 -17.83 -15.59
N LEU A 151 14.41 -17.61 -15.14
CA LEU A 151 14.17 -17.06 -13.81
C LEU A 151 14.76 -17.95 -12.71
N PRO A 152 15.76 -17.42 -11.99
CA PRO A 152 16.39 -18.19 -10.90
C PRO A 152 15.39 -18.71 -9.86
N ASP A 153 15.74 -19.85 -9.26
CA ASP A 153 14.86 -20.58 -8.36
C ASP A 153 14.60 -19.86 -7.05
N ASP A 154 15.50 -18.99 -6.62
CA ASP A 154 15.21 -18.23 -5.42
C ASP A 154 14.04 -17.29 -5.67
N ASP A 155 13.96 -16.78 -6.90
CA ASP A 155 12.89 -15.88 -7.31
C ASP A 155 11.58 -16.64 -7.48
N VAL A 156 11.63 -17.77 -8.18
CA VAL A 156 10.49 -18.69 -8.29
C VAL A 156 9.92 -19.06 -6.92
N GLN A 157 10.76 -19.57 -6.02
CA GLN A 157 10.30 -19.98 -4.71
C GLN A 157 9.75 -18.78 -3.95
N GLY A 158 10.30 -17.61 -4.27
CA GLY A 158 9.89 -16.35 -3.66
C GLY A 158 8.50 -15.93 -4.08
N ILE A 159 8.24 -15.93 -5.38
CA ILE A 159 6.94 -15.49 -5.90
C ILE A 159 5.83 -16.49 -5.61
N GLN A 160 6.19 -17.78 -5.53
CA GLN A 160 5.21 -18.84 -5.33
C GLN A 160 4.73 -18.93 -3.89
N SER A 161 5.58 -18.50 -2.96
CA SER A 161 5.18 -18.43 -1.56
C SER A 161 4.05 -17.42 -1.45
N LEU A 162 4.07 -16.44 -2.36
CA LEU A 162 3.07 -15.37 -2.40
C LEU A 162 1.78 -15.76 -3.13
N TYR A 163 1.89 -16.23 -4.37
CA TYR A 163 0.72 -16.44 -5.22
C TYR A 163 0.55 -17.89 -5.69
N GLY A 164 1.27 -18.82 -5.07
CA GLY A 164 1.22 -20.21 -5.49
C GLY A 164 1.83 -20.43 -6.86
N PRO A 165 1.87 -21.69 -7.32
CA PRO A 165 2.54 -22.09 -8.56
C PRO A 165 1.74 -21.78 -9.80
N GLY A 166 0.43 -21.61 -9.64
CA GLY A 166 -0.47 -21.60 -10.80
C GLY A 166 -0.40 -23.00 -11.38
N ASP A 167 -0.60 -23.12 -12.69
CA ASP A 167 -0.48 -24.40 -13.37
C ASP A 167 0.98 -24.81 -13.43
N GLU A 168 1.29 -25.92 -12.79
CA GLU A 168 2.68 -26.36 -12.69
C GLU A 168 3.22 -26.94 -13.99
N ASP A 169 2.61 -26.54 -15.11
CA ASP A 169 3.09 -26.97 -16.42
C ASP A 169 2.67 -26.00 -17.56
N TYR B 1 15.28 -15.54 -0.63
CA TYR B 1 14.41 -14.46 -1.04
C TYR B 1 13.88 -13.74 0.18
N ASN B 2 13.28 -12.56 -0.05
CA ASN B 2 12.50 -11.86 0.96
C ASN B 2 11.22 -11.31 0.33
N VAL B 3 10.13 -11.38 1.07
CA VAL B 3 8.94 -10.65 0.67
C VAL B 3 8.78 -9.47 1.62
N PHE B 4 7.60 -8.85 1.60
CA PHE B 4 7.30 -7.75 2.51
C PHE B 4 6.33 -8.26 3.57
N PRO B 5 6.87 -8.73 4.69
CA PRO B 5 5.98 -9.20 5.76
C PRO B 5 5.06 -8.05 6.15
N ARG B 6 3.86 -8.40 6.60
CA ARG B 6 2.97 -7.40 7.15
C ARG B 6 2.92 -7.55 8.67
N THR B 7 2.91 -6.42 9.38
CA THR B 7 2.64 -6.46 10.81
C THR B 7 1.14 -6.71 10.99
N LEU B 8 0.78 -7.98 11.12
CA LEU B 8 -0.62 -8.38 11.22
C LEU B 8 -1.30 -7.66 12.36
N LYS B 9 -0.57 -7.47 13.44
CA LYS B 9 -1.13 -6.82 14.60
C LYS B 9 -0.05 -6.15 15.45
N TRP B 10 -0.46 -5.34 16.41
CA TRP B 10 0.49 -4.69 17.30
C TRP B 10 1.11 -5.68 18.28
N SER B 11 2.37 -5.46 18.59
CA SER B 11 3.09 -6.30 19.54
C SER B 11 2.55 -6.08 20.95
N LYS B 12 2.36 -4.82 21.29
CA LYS B 12 1.96 -4.43 22.64
C LYS B 12 0.45 -4.28 22.75
N MET B 13 -0.03 -4.23 23.99
CA MET B 13 -1.44 -4.01 24.27
C MET B 13 -1.67 -2.55 24.66
N ASN B 14 -0.59 -1.87 25.05
CA ASN B 14 -0.66 -0.45 25.34
C ASN B 14 -0.23 0.35 24.12
N LEU B 15 -1.16 1.12 23.57
CA LEU B 15 -0.86 1.96 22.43
C LEU B 15 -1.07 3.44 22.77
N THR B 16 -0.24 4.29 22.16
CA THR B 16 -0.38 5.73 22.31
C THR B 16 -0.87 6.31 20.99
N TYR B 17 -1.63 7.39 21.08
CA TYR B 17 -2.08 8.13 19.91
C TYR B 17 -1.92 9.62 20.15
N ARG B 18 -1.74 10.38 19.08
CA ARG B 18 -1.63 11.81 19.19
C ARG B 18 -2.53 12.48 18.16
N ILE B 19 -3.31 13.46 18.60
CA ILE B 19 -4.10 14.27 17.69
C ILE B 19 -3.25 15.47 17.32
N VAL B 20 -2.70 15.44 16.11
CA VAL B 20 -1.75 16.45 15.66
C VAL B 20 -2.45 17.77 15.36
N ASN B 21 -3.48 17.73 14.53
CA ASN B 21 -4.23 18.93 14.23
C ASN B 21 -5.73 18.71 14.31
N TYR B 22 -6.49 19.76 14.03
CA TYR B 22 -7.91 19.73 14.30
C TYR B 22 -8.70 20.29 13.15
N THR B 23 -9.85 19.68 12.87
CA THR B 23 -10.77 20.19 11.85
C THR B 23 -11.45 21.47 12.37
N PRO B 24 -11.78 22.40 11.46
CA PRO B 24 -12.50 23.62 11.81
C PRO B 24 -13.97 23.34 12.11
N ASP B 25 -14.38 22.08 12.02
CA ASP B 25 -15.80 21.71 11.99
C ASP B 25 -16.37 21.36 13.36
N MET B 26 -15.49 21.11 14.32
CA MET B 26 -15.93 20.70 15.64
C MET B 26 -15.02 21.34 16.67
N THR B 27 -15.50 21.54 17.89
CA THR B 27 -14.60 22.05 18.92
C THR B 27 -13.46 21.08 19.08
N HIS B 28 -12.38 21.53 19.71
CA HIS B 28 -11.28 20.64 20.07
C HIS B 28 -11.86 19.55 20.96
N SER B 29 -12.65 19.98 21.94
CA SER B 29 -13.27 19.07 22.89
C SER B 29 -14.02 17.94 22.17
N GLU B 30 -14.95 18.31 21.31
CA GLU B 30 -15.75 17.35 20.57
C GLU B 30 -14.88 16.36 19.79
N VAL B 31 -13.80 16.87 19.20
CA VAL B 31 -12.89 16.02 18.42
C VAL B 31 -12.24 15.00 19.32
N GLU B 32 -11.56 15.47 20.37
CA GLU B 32 -10.93 14.60 21.34
C GLU B 32 -11.89 13.53 21.85
N LYS B 33 -13.14 13.92 22.14
CA LYS B 33 -14.14 12.99 22.62
C LYS B 33 -14.58 11.96 21.58
N ALA B 34 -14.62 12.38 20.31
CA ALA B 34 -14.98 11.48 19.21
C ALA B 34 -13.95 10.38 19.03
N PHE B 35 -12.68 10.70 19.27
CA PHE B 35 -11.61 9.74 19.10
C PHE B 35 -11.48 8.83 20.31
N LYS B 36 -11.54 9.42 21.49
CA LYS B 36 -11.53 8.64 22.72
C LYS B 36 -12.64 7.60 22.59
N LYS B 37 -13.79 8.04 22.07
CA LYS B 37 -14.92 7.15 21.85
C LYS B 37 -14.62 6.06 20.82
N ALA B 38 -13.91 6.42 19.74
CA ALA B 38 -13.64 5.46 18.68
C ALA B 38 -12.60 4.42 19.11
N PHE B 39 -11.78 4.78 20.08
CA PHE B 39 -10.77 3.84 20.60
C PHE B 39 -11.39 2.90 21.64
N LYS B 40 -12.38 3.41 22.36
CA LYS B 40 -13.10 2.63 23.37
C LYS B 40 -13.83 1.48 22.71
N VAL B 41 -14.31 1.71 21.50
CA VAL B 41 -15.01 0.69 20.71
C VAL B 41 -14.24 -0.62 20.67
N TRP B 42 -12.92 -0.53 20.46
CA TRP B 42 -12.06 -1.70 20.31
C TRP B 42 -11.35 -2.08 21.61
N SER B 43 -11.24 -1.13 22.54
CA SER B 43 -10.60 -1.41 23.82
C SER B 43 -11.58 -2.17 24.69
N ASP B 44 -12.86 -1.96 24.43
CA ASP B 44 -13.93 -2.62 25.18
C ASP B 44 -13.91 -4.13 24.97
N VAL B 45 -13.49 -4.58 23.80
CA VAL B 45 -13.54 -6.00 23.46
C VAL B 45 -12.18 -6.65 23.28
N THR B 46 -11.12 -5.97 23.68
CA THR B 46 -9.77 -6.53 23.60
C THR B 46 -8.96 -6.13 24.84
N PRO B 47 -7.76 -6.72 24.99
CA PRO B 47 -6.85 -6.31 26.06
C PRO B 47 -6.19 -4.99 25.73
N LEU B 48 -6.58 -4.40 24.59
CA LEU B 48 -5.90 -3.22 24.09
C LEU B 48 -6.24 -1.98 24.92
N ASN B 49 -5.24 -1.12 25.06
CA ASN B 49 -5.38 0.12 25.80
C ASN B 49 -4.83 1.31 25.01
N PHE B 50 -5.50 2.46 25.12
CA PHE B 50 -5.09 3.64 24.38
C PHE B 50 -4.91 4.86 25.28
N THR B 51 -3.72 5.43 25.23
CA THR B 51 -3.47 6.67 25.94
C THR B 51 -2.92 7.68 24.95
N ARG B 52 -3.25 8.94 25.19
CA ARG B 52 -3.03 9.99 24.22
C ARG B 52 -1.86 10.87 24.59
N LEU B 53 -0.91 10.99 23.68
CA LEU B 53 0.19 11.90 23.85
C LEU B 53 -0.20 13.26 23.29
N HIS B 54 0.37 14.31 23.85
CA HIS B 54 0.12 15.66 23.37
C HIS B 54 1.22 16.16 22.45
N ASP B 55 2.41 15.58 22.60
CA ASP B 55 3.52 15.93 21.73
C ASP B 55 4.21 14.64 21.28
N GLY B 56 5.31 14.80 20.54
CA GLY B 56 6.17 13.67 20.21
C GLY B 56 5.49 12.57 19.42
N ILE B 57 6.20 11.46 19.26
CA ILE B 57 5.77 10.38 18.38
C ILE B 57 4.87 9.39 19.11
N ALA B 58 3.73 9.10 18.50
CA ALA B 58 2.79 8.11 19.02
C ALA B 58 2.61 6.96 18.02
N ASP B 59 2.14 5.83 18.52
CA ASP B 59 1.80 4.70 17.67
C ASP B 59 0.78 5.09 16.61
N ILE B 60 -0.31 5.74 17.02
CA ILE B 60 -1.34 6.18 16.09
C ILE B 60 -1.40 7.71 15.93
N MET B 61 -0.68 8.25 14.93
CA MET B 61 -0.70 9.69 14.65
C MET B 61 -1.96 10.08 13.88
N ILE B 62 -2.83 10.85 14.51
CA ILE B 62 -4.06 11.31 13.88
C ILE B 62 -3.94 12.74 13.31
N SER B 63 -4.32 12.91 12.05
CA SER B 63 -4.30 14.23 11.43
C SER B 63 -5.47 14.47 10.49
N PHE B 64 -5.73 15.74 10.22
CA PHE B 64 -6.72 16.11 9.23
C PHE B 64 -5.93 16.78 8.13
N GLY B 65 -6.37 16.61 6.89
CA GLY B 65 -5.67 17.18 5.75
C GLY B 65 -6.52 17.19 4.51
N ILE B 66 -6.07 17.87 3.47
CA ILE B 66 -6.76 17.90 2.19
C ILE B 66 -5.81 17.57 1.06
N LYS B 67 -6.35 17.14 -0.07
CA LYS B 67 -5.54 16.88 -1.27
C LYS B 67 -4.24 16.17 -0.90
N GLU B 68 -3.12 16.75 -1.28
CA GLU B 68 -1.83 16.12 -1.01
C GLU B 68 -1.32 16.62 0.33
N HIS B 69 -1.06 15.69 1.24
CA HIS B 69 -0.83 16.03 2.63
C HIS B 69 0.37 15.26 3.18
N GLY B 70 1.11 14.64 2.27
CA GLY B 70 2.43 14.13 2.60
C GLY B 70 2.65 12.64 2.50
N ASP B 71 1.74 11.89 1.89
CA ASP B 71 1.96 10.45 1.74
C ASP B 71 1.64 9.94 0.35
N PHE B 72 1.27 10.86 -0.52
CA PHE B 72 0.90 10.57 -1.92
C PHE B 72 -0.32 9.69 -2.09
N TYR B 73 -1.09 9.51 -1.03
CA TYR B 73 -2.44 8.99 -1.16
C TYR B 73 -3.37 10.18 -1.00
N PRO B 74 -3.40 11.08 -1.99
CA PRO B 74 -4.04 12.39 -1.79
C PRO B 74 -5.55 12.28 -1.76
N PHE B 75 -6.19 13.12 -0.94
CA PHE B 75 -7.65 13.15 -0.89
C PHE B 75 -8.18 13.87 -2.12
N ASP B 76 -9.49 14.13 -2.14
CA ASP B 76 -10.16 14.47 -3.39
C ASP B 76 -11.28 15.48 -3.22
N GLY B 77 -10.99 16.59 -2.54
CA GLY B 77 -12.05 17.56 -2.28
C GLY B 77 -13.17 16.86 -1.52
N PRO B 78 -14.39 17.41 -1.59
CA PRO B 78 -15.53 16.85 -0.85
C PRO B 78 -16.08 15.57 -1.45
N SER B 79 -16.76 14.76 -0.63
CA SER B 79 -17.33 13.49 -1.07
C SER B 79 -16.23 12.54 -1.49
N GLY B 80 -16.58 11.28 -1.71
CA GLY B 80 -15.58 10.30 -2.10
C GLY B 80 -14.85 9.76 -0.88
N LEU B 81 -13.53 9.89 -0.87
CA LEU B 81 -12.73 9.31 0.21
C LEU B 81 -12.84 10.15 1.48
N LEU B 82 -13.49 9.62 2.50
CA LEU B 82 -13.65 10.38 3.74
C LEU B 82 -12.37 10.44 4.57
N ALA B 83 -11.60 9.36 4.54
CA ALA B 83 -10.42 9.22 5.41
C ALA B 83 -9.65 7.95 5.04
N HIS B 84 -8.49 7.76 5.68
CA HIS B 84 -7.80 6.49 5.54
C HIS B 84 -6.68 6.31 6.58
N ALA B 85 -6.36 5.04 6.85
CA ALA B 85 -5.43 4.71 7.92
C ALA B 85 -4.52 3.55 7.52
N PHE B 86 -3.29 3.60 8.01
CA PHE B 86 -2.27 2.59 7.71
C PHE B 86 -2.35 1.43 8.70
N PRO B 87 -2.10 0.20 8.22
CA PRO B 87 -2.15 -1.01 9.06
C PRO B 87 -1.14 -0.93 10.20
N PRO B 88 -1.21 -1.88 11.14
CA PRO B 88 -0.27 -1.90 12.26
C PRO B 88 1.18 -1.97 11.77
N GLY B 89 2.07 -1.26 12.46
CA GLY B 89 3.47 -1.27 12.11
C GLY B 89 4.20 -0.01 12.53
N PRO B 90 5.54 -0.02 12.40
CA PRO B 90 6.44 1.11 12.70
C PRO B 90 6.36 2.26 11.71
N ASN B 91 6.90 3.40 12.12
CA ASN B 91 6.91 4.61 11.30
C ASN B 91 5.50 5.12 10.95
N TYR B 92 4.99 4.78 9.77
CA TYR B 92 3.67 5.26 9.32
C TYR B 92 2.51 4.39 9.80
N GLY B 93 2.81 3.15 10.15
CA GLY B 93 1.79 2.20 10.54
C GLY B 93 0.85 2.72 11.60
N GLY B 94 -0.45 2.51 11.36
CA GLY B 94 -1.45 2.85 12.35
C GLY B 94 -2.03 4.25 12.23
N ASP B 95 -1.37 5.11 11.45
CA ASP B 95 -1.77 6.51 11.33
C ASP B 95 -3.10 6.68 10.62
N ALA B 96 -3.87 7.68 11.05
CA ALA B 96 -5.20 7.95 10.53
C ALA B 96 -5.30 9.38 10.00
N HIS B 97 -5.74 9.52 8.75
CA HIS B 97 -5.94 10.83 8.14
C HIS B 97 -7.37 11.02 7.67
N PHE B 98 -7.90 12.21 7.90
CA PHE B 98 -9.31 12.49 7.65
C PHE B 98 -9.42 13.68 6.71
N ASP B 99 -10.09 13.47 5.57
CA ASP B 99 -10.11 14.48 4.51
C ASP B 99 -10.86 15.72 4.99
N ASP B 100 -10.13 16.79 5.26
CA ASP B 100 -10.74 17.96 5.87
C ASP B 100 -11.45 18.84 4.85
N ASP B 101 -11.85 18.23 3.74
CA ASP B 101 -12.78 18.85 2.80
C ASP B 101 -14.14 18.20 2.96
N GLU B 102 -14.23 17.27 3.90
CA GLU B 102 -15.52 16.74 4.32
C GLU B 102 -15.95 17.53 5.53
N THR B 103 -17.27 17.56 5.77
CA THR B 103 -17.79 18.22 6.96
C THR B 103 -17.91 17.20 8.09
N TRP B 104 -17.01 17.33 9.06
CA TRP B 104 -17.05 16.47 10.23
C TRP B 104 -17.98 17.06 11.26
N THR B 105 -18.76 16.20 11.87
CA THR B 105 -19.80 16.63 12.78
C THR B 105 -19.88 15.63 13.92
N SER B 106 -20.27 16.11 15.09
CA SER B 106 -20.47 15.24 16.24
C SER B 106 -21.88 14.69 16.24
N SER B 107 -22.48 14.58 15.06
CA SER B 107 -23.82 14.04 14.93
C SER B 107 -24.13 13.57 13.52
N SER B 108 -25.11 14.20 12.89
CA SER B 108 -25.60 13.74 11.58
C SER B 108 -25.38 14.73 10.44
N LYS B 109 -25.17 16.00 10.78
CA LYS B 109 -24.98 17.05 9.77
C LYS B 109 -23.58 17.03 9.19
N GLY B 110 -23.37 16.14 8.23
CA GLY B 110 -22.05 15.88 7.68
C GLY B 110 -21.74 14.43 7.97
N TYR B 111 -20.46 14.09 8.02
CA TYR B 111 -20.06 12.74 8.41
C TYR B 111 -19.68 12.73 9.88
N ASN B 112 -20.40 11.92 10.66
CA ASN B 112 -20.11 11.76 12.07
C ASN B 112 -18.66 11.32 12.24
N LEU B 113 -17.87 12.15 12.90
CA LEU B 113 -16.44 11.87 13.04
C LEU B 113 -16.17 10.55 13.73
N PHE B 114 -16.85 10.35 14.86
CA PHE B 114 -16.68 9.17 15.68
C PHE B 114 -16.88 7.88 14.88
N LEU B 115 -17.94 7.84 14.09
CA LEU B 115 -18.23 6.66 13.27
C LEU B 115 -17.10 6.38 12.30
N VAL B 116 -16.72 7.37 11.51
CA VAL B 116 -15.64 7.22 10.55
C VAL B 116 -14.33 6.84 11.24
N ALA B 117 -14.06 7.49 12.37
CA ALA B 117 -12.84 7.23 13.14
C ALA B 117 -12.80 5.78 13.64
N ALA B 118 -13.90 5.33 14.21
CA ALA B 118 -13.97 3.96 14.71
C ALA B 118 -13.72 2.98 13.57
N HIS B 119 -14.32 3.25 12.41
CA HIS B 119 -14.05 2.46 11.23
C HIS B 119 -12.55 2.44 10.92
N GLU B 120 -11.97 3.62 10.75
CA GLU B 120 -10.56 3.75 10.46
C GLU B 120 -9.66 3.09 11.52
N PHE B 121 -10.06 3.15 12.78
CA PHE B 121 -9.22 2.61 13.85
C PHE B 121 -9.16 1.08 13.85
N GLY B 122 -9.99 0.44 13.03
CA GLY B 122 -9.90 -0.99 12.83
C GLY B 122 -8.78 -1.23 11.85
N HIS B 123 -8.69 -0.38 10.83
CA HIS B 123 -7.61 -0.47 9.86
C HIS B 123 -6.29 -0.27 10.56
N SER B 124 -6.28 0.56 11.58
CA SER B 124 -5.09 0.81 12.37
C SER B 124 -4.77 -0.40 13.23
N LEU B 125 -5.79 -1.19 13.54
CA LEU B 125 -5.61 -2.34 14.42
C LEU B 125 -5.39 -3.63 13.65
N GLY B 126 -5.44 -3.56 12.33
CA GLY B 126 -5.20 -4.71 11.47
C GLY B 126 -6.44 -5.24 10.76
N LEU B 127 -7.60 -4.66 11.06
CA LEU B 127 -8.85 -5.10 10.46
C LEU B 127 -8.98 -4.63 9.00
N ASP B 128 -9.35 -5.57 8.13
CA ASP B 128 -9.58 -5.29 6.73
C ASP B 128 -11.06 -4.93 6.58
N HIS B 129 -11.48 -4.60 5.35
CA HIS B 129 -12.88 -4.34 5.10
C HIS B 129 -13.75 -5.58 5.31
N SER B 130 -14.98 -5.36 5.73
CA SER B 130 -15.94 -6.45 5.86
C SER B 130 -16.99 -6.33 4.76
N LYS B 131 -17.55 -7.48 4.38
CA LYS B 131 -18.60 -7.51 3.36
C LYS B 131 -20.00 -7.64 3.99
N ASP B 132 -20.02 -7.76 5.31
CA ASP B 132 -21.26 -7.84 6.06
C ASP B 132 -21.78 -6.43 6.31
N PRO B 133 -22.88 -6.04 5.66
CA PRO B 133 -23.40 -4.67 5.66
C PRO B 133 -23.68 -4.16 7.07
N GLY B 134 -23.76 -5.08 8.03
CA GLY B 134 -23.96 -4.72 9.41
C GLY B 134 -22.66 -4.46 10.14
N ALA B 135 -21.55 -4.76 9.47
CA ALA B 135 -20.24 -4.60 10.08
C ALA B 135 -19.78 -3.14 10.01
N LEU B 136 -19.28 -2.64 11.13
CA LEU B 136 -18.68 -1.32 11.17
C LEU B 136 -17.63 -1.15 10.06
N MET B 137 -16.96 -2.23 9.70
CA MET B 137 -15.87 -2.18 8.73
C MET B 137 -16.35 -2.24 7.28
N PHE B 138 -17.65 -2.35 7.09
CA PHE B 138 -18.23 -2.21 5.77
C PHE B 138 -17.80 -0.86 5.19
N PRO B 139 -17.36 -0.83 3.93
CA PRO B 139 -16.73 0.34 3.29
C PRO B 139 -17.64 1.56 3.21
N ILE B 140 -18.93 1.40 3.41
CA ILE B 140 -19.86 2.48 3.16
C ILE B 140 -20.51 3.10 4.42
N TYR B 141 -20.39 4.42 4.54
CA TYR B 141 -20.86 5.15 5.71
C TYR B 141 -22.38 5.05 5.94
N THR B 142 -22.75 4.91 7.21
CA THR B 142 -24.14 4.83 7.65
C THR B 142 -24.29 5.69 8.90
N PHE B 149 -23.96 3.32 20.61
CA PHE B 149 -23.24 2.53 19.63
C PHE B 149 -22.82 1.18 20.17
N MET B 150 -23.13 0.13 19.42
CA MET B 150 -22.81 -1.23 19.81
C MET B 150 -21.96 -1.85 18.71
N LEU B 151 -20.74 -2.27 19.04
CA LEU B 151 -19.93 -2.97 18.06
C LEU B 151 -20.61 -4.28 17.63
N PRO B 152 -20.87 -4.43 16.32
CA PRO B 152 -21.52 -5.62 15.76
C PRO B 152 -20.61 -6.85 15.85
N ASP B 153 -21.21 -8.00 16.09
CA ASP B 153 -20.45 -9.24 16.30
C ASP B 153 -19.45 -9.54 15.19
N ASP B 154 -19.79 -9.16 13.97
CA ASP B 154 -18.87 -9.38 12.85
C ASP B 154 -17.48 -8.77 13.14
N ASP B 155 -17.48 -7.55 13.65
CA ASP B 155 -16.24 -6.86 14.01
C ASP B 155 -15.60 -7.40 15.29
N VAL B 156 -16.43 -7.65 16.30
CA VAL B 156 -15.96 -8.22 17.56
C VAL B 156 -15.18 -9.50 17.28
N GLN B 157 -15.66 -10.26 16.32
CA GLN B 157 -15.02 -11.51 15.96
C GLN B 157 -13.72 -11.22 15.20
N GLY B 158 -13.76 -10.21 14.35
CA GLY B 158 -12.61 -9.87 13.53
C GLY B 158 -11.44 -9.37 14.35
N ILE B 159 -11.72 -8.50 15.31
CA ILE B 159 -10.67 -7.94 16.13
C ILE B 159 -10.18 -8.96 17.16
N GLN B 160 -11.10 -9.71 17.75
CA GLN B 160 -10.74 -10.73 18.72
C GLN B 160 -9.88 -11.81 18.09
N SER B 161 -10.14 -12.11 16.82
CA SER B 161 -9.36 -13.13 16.12
C SER B 161 -7.88 -12.74 16.12
N LEU B 162 -7.62 -11.44 16.28
CA LEU B 162 -6.25 -10.93 16.27
C LEU B 162 -5.68 -10.81 17.67
N TYR B 163 -6.38 -10.08 18.53
CA TYR B 163 -5.86 -9.72 19.86
C TYR B 163 -6.44 -10.57 20.97
N GLY B 164 -7.57 -11.21 20.70
CA GLY B 164 -8.27 -11.97 21.72
C GLY B 164 -9.25 -11.10 22.46
N PRO B 165 -9.98 -11.68 23.42
CA PRO B 165 -11.01 -10.98 24.17
C PRO B 165 -10.40 -10.10 25.26
N GLY B 166 -11.24 -9.48 26.08
CA GLY B 166 -10.75 -8.65 27.16
C GLY B 166 -10.64 -9.39 28.48
#